data_5M93
#
_entry.id   5M93
#
_cell.length_a   31.596
_cell.length_b   81.073
_cell.length_c   51.287
_cell.angle_alpha   90.00
_cell.angle_beta   105.72
_cell.angle_gamma   90.00
#
_symmetry.space_group_name_H-M   'P 1 21 1'
#
loop_
_entity.id
_entity.type
_entity.pdbx_description
1 polymer Polyubiquitin-B
2 non-polymer 'SULFATE ION'
3 non-polymer alpha-D-ribofuranose
4 water water
#
_entity_poly.entity_id   1
_entity_poly.type   'polypeptide(L)'
_entity_poly.pdbx_seq_one_letter_code
;GPLGSQIFVKTLTGKTITLEVEPSDTIENVKAKIQDKEGIPPDQQRLIFAGKQLEDGRTLSDYNIQKESTLHLVLRLRGG
;
_entity_poly.pdbx_strand_id   A,B,C
#
loop_
_chem_comp.id
_chem_comp.type
_chem_comp.name
_chem_comp.formula
RIB D-saccharide, alpha linking alpha-D-ribofuranose 'C5 H10 O5'
SO4 non-polymer 'SULFATE ION' 'O4 S -2'
#
# COMPACT_ATOMS: atom_id res chain seq x y z
N SER A 5 12.14 -5.84 3.79
CA SER A 5 11.01 -5.39 3.05
C SER A 5 11.03 -3.88 2.94
N GLN A 6 10.08 -3.39 2.18
CA GLN A 6 9.84 -1.96 2.12
C GLN A 6 8.50 -1.62 2.67
N ILE A 7 8.41 -0.47 3.30
CA ILE A 7 7.14 0.16 3.58
C ILE A 7 7.14 1.59 3.00
N PHE A 8 5.93 2.11 2.90
CA PHE A 8 5.64 3.40 2.28
C PHE A 8 5.09 4.40 3.31
N VAL A 9 5.36 5.67 3.09
CA VAL A 9 4.94 6.76 3.97
C VAL A 9 4.42 7.86 3.09
N LYS A 10 3.09 7.97 3.10
CA LYS A 10 2.40 9.05 2.39
C LYS A 10 2.50 10.38 3.16
N THR A 11 3.00 11.42 2.50
CA THR A 11 3.06 12.75 3.03
C THR A 11 1.92 13.63 2.52
N LEU A 12 1.64 14.67 3.31
CA LEU A 12 0.61 15.62 2.94
C LEU A 12 0.95 16.37 1.65
N THR A 13 2.22 16.72 1.50
CA THR A 13 2.60 17.43 0.29
C THR A 13 2.35 16.60 -0.99
N GLY A 14 2.32 15.26 -0.87
CA GLY A 14 1.97 14.39 -1.97
C GLY A 14 2.90 13.20 -2.19
N LYS A 15 4.18 13.40 -1.92
CA LYS A 15 5.20 12.45 -2.25
C LYS A 15 4.95 11.27 -1.31
N THR A 16 5.27 10.09 -1.80
CA THR A 16 5.24 8.87 -0.95
C THR A 16 6.71 8.43 -0.81
N ILE A 17 7.19 8.30 0.43
CA ILE A 17 8.58 7.91 0.73
C ILE A 17 8.61 6.36 0.83
N THR A 18 9.67 5.72 0.35
CA THR A 18 9.88 4.28 0.52
C THR A 18 11.04 4.03 1.44
N LEU A 19 10.80 3.18 2.41
CA LEU A 19 11.82 2.91 3.46
C LEU A 19 12.11 1.42 3.49
N GLU A 20 13.38 1.11 3.63
CA GLU A 20 13.82 -0.29 3.92
C GLU A 20 13.80 -0.55 5.44
N VAL A 21 13.02 -1.54 5.85
CA VAL A 21 12.77 -1.88 7.22
C VAL A 21 12.82 -3.38 7.49
N GLU A 22 12.88 -3.71 8.76
CA GLU A 22 12.83 -5.06 9.30
C GLU A 22 11.80 -5.04 10.42
N PRO A 23 11.25 -6.19 10.79
CA PRO A 23 10.12 -6.27 11.72
C PRO A 23 10.51 -5.79 13.12
N SER A 24 11.82 -5.81 13.43
CA SER A 24 12.33 -5.37 14.69
C SER A 24 12.51 -3.84 14.79
N ASP A 25 12.41 -3.13 13.67
CA ASP A 25 12.53 -1.70 13.73
C ASP A 25 11.41 -1.07 14.61
N THR A 26 11.81 -0.16 15.48
CA THR A 26 10.89 0.66 16.22
C THR A 26 10.31 1.76 15.32
N ILE A 27 9.20 2.30 15.77
CA ILE A 27 8.66 3.48 15.14
C ILE A 27 9.65 4.68 15.18
N GLU A 28 10.42 4.76 16.25
CA GLU A 28 11.49 5.72 16.37
C GLU A 28 12.49 5.56 15.25
N ASN A 29 12.91 4.32 15.04
CA ASN A 29 13.81 3.93 13.94
C ASN A 29 13.20 4.37 12.60
N VAL A 30 11.89 4.13 12.39
CA VAL A 30 11.22 4.52 11.10
C VAL A 30 11.32 6.07 10.97
N LYS A 31 11.09 6.79 12.09
CA LYS A 31 11.12 8.27 12.04
C LYS A 31 12.52 8.77 11.78
N ALA A 32 13.51 8.03 12.28
CA ALA A 32 14.90 8.30 11.99
C ALA A 32 15.21 8.12 10.48
N LYS A 33 14.68 7.06 9.87
CA LYS A 33 14.84 6.86 8.45
C LYS A 33 14.17 7.99 7.60
N ILE A 34 12.98 8.42 8.03
CA ILE A 34 12.30 9.54 7.41
C ILE A 34 13.20 10.80 7.55
N GLN A 35 13.75 11.05 8.72
CA GLN A 35 14.66 12.20 8.86
C GLN A 35 15.87 12.13 7.89
N ASP A 36 16.45 10.96 7.72
CA ASP A 36 17.53 10.78 6.71
C ASP A 36 17.13 11.07 5.25
N LYS A 37 15.86 10.84 4.90
CA LYS A 37 15.35 11.06 3.57
C LYS A 37 14.91 12.50 3.37
N GLU A 38 14.17 13.03 4.34
CA GLU A 38 13.38 14.24 4.21
C GLU A 38 13.87 15.43 5.04
N GLY A 39 14.67 15.18 6.08
CA GLY A 39 15.15 16.23 6.98
C GLY A 39 14.16 16.59 8.05
N ILE A 40 13.06 15.84 8.21
CA ILE A 40 12.09 16.18 9.23
C ILE A 40 12.57 15.52 10.56
N PRO A 41 12.76 16.31 11.62
CA PRO A 41 13.06 15.67 12.88
C PRO A 41 11.96 14.76 13.38
N PRO A 42 12.33 13.62 13.97
CA PRO A 42 11.40 12.61 14.51
C PRO A 42 10.34 13.23 15.51
N ASP A 43 10.83 14.15 16.35
CA ASP A 43 10.05 15.12 17.17
C ASP A 43 8.79 15.63 16.57
N GLN A 44 8.92 15.97 15.31
CA GLN A 44 7.83 16.60 14.55
C GLN A 44 7.00 15.68 13.72
N GLN A 45 7.31 14.39 13.79
CA GLN A 45 6.58 13.41 13.01
C GLN A 45 5.54 12.71 13.82
N ARG A 46 4.34 12.64 13.31
CA ARG A 46 3.33 11.76 13.84
C ARG A 46 3.00 10.75 12.77
N LEU A 47 3.18 9.44 13.07
CA LEU A 47 2.87 8.42 12.05
C LEU A 47 1.54 7.75 12.40
N ILE A 48 0.69 7.53 11.40
CA ILE A 48 -0.62 6.93 11.55
C ILE A 48 -0.73 5.71 10.62
N PHE A 49 -1.40 4.69 11.09
CA PHE A 49 -1.66 3.48 10.32
C PHE A 49 -2.94 2.88 10.90
N ALA A 50 -3.89 2.56 9.99
CA ALA A 50 -5.22 2.03 10.36
C ALA A 50 -5.89 2.94 11.39
N GLY A 51 -5.78 4.25 11.21
CA GLY A 51 -6.49 5.18 12.05
C GLY A 51 -5.88 5.50 13.40
N LYS A 52 -4.74 4.87 13.75
CA LYS A 52 -4.10 5.01 15.06
C LYS A 52 -2.68 5.62 14.98
N GLN A 53 -2.37 6.49 15.94
CA GLN A 53 -1.02 7.02 16.10
C GLN A 53 -0.11 5.94 16.53
N LEU A 54 1.01 5.77 15.84
CA LEU A 54 2.03 4.76 16.18
C LEU A 54 3.02 5.26 17.26
N GLU A 55 3.25 4.48 18.28
CA GLU A 55 4.09 4.87 19.36
C GLU A 55 5.55 4.50 19.09
N ASP A 56 6.41 5.41 19.50
CA ASP A 56 7.80 5.39 19.13
C ASP A 56 8.54 4.14 19.57
N GLY A 57 8.22 3.65 20.77
CA GLY A 57 8.89 2.52 21.39
C GLY A 57 8.43 1.14 20.98
N ARG A 58 7.41 1.06 20.13
CA ARG A 58 6.90 -0.20 19.64
C ARG A 58 7.48 -0.47 18.29
N THR A 59 7.49 -1.74 17.94
CA THR A 59 8.05 -2.21 16.70
C THR A 59 7.01 -2.37 15.60
N LEU A 60 7.53 -2.44 14.40
CA LEU A 60 6.72 -2.79 13.23
C LEU A 60 5.98 -4.14 13.45
N SER A 61 6.72 -5.12 13.93
CA SER A 61 6.17 -6.40 14.35
C SER A 61 5.06 -6.29 15.38
N ASP A 62 5.19 -5.41 16.37
CA ASP A 62 4.14 -5.20 17.39
C ASP A 62 2.85 -4.73 16.75
N TYR A 63 2.96 -3.89 15.72
CA TYR A 63 1.84 -3.36 15.00
C TYR A 63 1.44 -4.25 13.80
N ASN A 64 2.05 -5.43 13.66
CA ASN A 64 1.77 -6.33 12.52
C ASN A 64 1.86 -5.57 11.21
N ILE A 65 2.76 -4.59 11.15
CA ILE A 65 2.95 -3.92 9.87
C ILE A 65 3.89 -4.77 9.02
N GLN A 66 3.38 -5.16 7.85
CA GLN A 66 4.11 -5.90 6.86
C GLN A 66 4.52 -5.10 5.66
N LYS A 67 5.28 -5.76 4.82
CA LYS A 67 5.81 -5.11 3.66
C LYS A 67 4.72 -4.53 2.80
N GLU A 68 5.03 -3.37 2.18
CA GLU A 68 4.15 -2.68 1.28
C GLU A 68 2.91 -2.04 1.96
N SER A 69 2.94 -1.94 3.29
CA SER A 69 1.93 -1.18 4.01
C SER A 69 2.21 0.31 3.82
N THR A 70 1.18 1.13 3.91
CA THR A 70 1.35 2.56 3.79
C THR A 70 0.99 3.23 5.12
N LEU A 71 1.98 3.94 5.69
CA LEU A 71 1.77 4.81 6.83
C LEU A 71 1.47 6.24 6.28
N HIS A 72 0.81 7.03 7.11
CA HIS A 72 0.56 8.46 6.84
C HIS A 72 1.36 9.24 7.79
N LEU A 73 2.13 10.15 7.21
CA LEU A 73 2.89 11.08 8.00
C LEU A 73 2.12 12.39 8.19
N VAL A 74 2.00 12.80 9.44
CA VAL A 74 1.40 14.09 9.77
C VAL A 74 2.47 14.89 10.46
N LEU A 75 2.73 16.08 9.94
CA LEU A 75 3.64 16.98 10.63
C LEU A 75 2.89 17.57 11.75
N ARG A 76 3.49 17.54 12.90
CA ARG A 76 2.91 18.19 14.06
C ARG A 76 3.99 19.08 14.65
N LEU A 77 3.88 20.38 14.37
CA LEU A 77 4.86 21.36 14.87
C LEU A 77 4.82 21.39 16.42
N ARG A 78 3.63 21.15 16.98
CA ARG A 78 3.46 20.72 18.43
C ARG A 78 2.01 20.52 18.87
N GLY A 79 1.10 21.41 18.46
CA GLY A 79 -0.32 21.17 18.56
C GLY A 79 -0.85 20.75 17.20
N GLY B 1 -8.39 -1.10 -16.88
CA GLY B 1 -8.95 -0.33 -15.76
C GLY B 1 -7.80 -0.22 -14.75
N PRO B 2 -7.97 0.66 -13.77
CA PRO B 2 -6.92 0.99 -12.84
C PRO B 2 -6.53 -0.27 -12.07
N LEU B 3 -5.31 -0.29 -11.61
CA LEU B 3 -4.81 -1.35 -10.73
C LEU B 3 -5.74 -1.39 -9.55
N GLY B 4 -5.95 -2.57 -8.98
CA GLY B 4 -6.87 -2.75 -7.87
C GLY B 4 -7.59 -4.05 -8.02
N SER B 5 -8.23 -4.48 -6.94
CA SER B 5 -8.98 -5.69 -6.86
C SER B 5 -10.41 -5.39 -6.29
N GLN B 6 -11.33 -6.30 -6.50
CA GLN B 6 -12.71 -6.13 -6.05
C GLN B 6 -12.99 -7.18 -5.00
N ILE B 7 -13.72 -6.77 -3.97
CA ILE B 7 -14.36 -7.69 -3.06
C ILE B 7 -15.80 -7.24 -2.88
N PHE B 8 -16.58 -8.09 -2.23
CA PHE B 8 -17.99 -7.79 -1.95
C PHE B 8 -18.15 -7.66 -0.46
N VAL B 9 -19.10 -6.82 -0.07
CA VAL B 9 -19.56 -6.74 1.34
C VAL B 9 -21.08 -6.97 1.37
N LYS B 10 -21.48 -8.07 2.00
CA LYS B 10 -22.87 -8.33 2.31
C LYS B 10 -23.23 -7.57 3.57
N THR B 11 -24.19 -6.71 3.43
CA THR B 11 -24.35 -5.65 4.36
C THR B 11 -25.56 -6.00 5.19
N LEU B 12 -25.74 -5.33 6.33
CA LEU B 12 -26.71 -5.79 7.35
C LEU B 12 -28.17 -5.67 6.86
N THR B 13 -28.39 -4.75 5.93
CA THR B 13 -29.70 -4.47 5.37
C THR B 13 -30.11 -5.44 4.23
N GLY B 14 -29.27 -6.44 3.97
CA GLY B 14 -29.41 -7.30 2.80
C GLY B 14 -28.57 -6.85 1.59
N LYS B 15 -28.28 -5.55 1.48
CA LYS B 15 -27.56 -5.04 0.32
C LYS B 15 -26.12 -5.60 0.18
N THR B 16 -25.74 -6.00 -1.03
CA THR B 16 -24.34 -6.33 -1.32
C THR B 16 -23.65 -5.19 -2.10
N ILE B 17 -22.54 -4.66 -1.58
CA ILE B 17 -21.79 -3.66 -2.32
C ILE B 17 -20.49 -4.25 -2.82
N THR B 18 -19.90 -3.59 -3.81
CA THR B 18 -18.63 -3.94 -4.40
C THR B 18 -17.61 -2.89 -3.94
N LEU B 19 -16.48 -3.32 -3.41
CA LEU B 19 -15.47 -2.37 -3.05
C LEU B 19 -14.19 -2.60 -3.92
N GLU B 20 -13.48 -1.50 -4.17
CA GLU B 20 -12.14 -1.51 -4.80
C GLU B 20 -11.09 -1.45 -3.70
N VAL B 21 -10.34 -2.52 -3.57
CA VAL B 21 -9.37 -2.69 -2.50
C VAL B 21 -8.02 -3.11 -3.09
N GLU B 22 -7.03 -3.25 -2.20
CA GLU B 22 -5.77 -3.91 -2.54
C GLU B 22 -5.33 -4.81 -1.36
N PRO B 23 -4.40 -5.75 -1.62
CA PRO B 23 -3.97 -6.68 -0.55
C PRO B 23 -3.55 -5.97 0.76
N SER B 24 -2.86 -4.82 0.64
CA SER B 24 -2.36 -4.10 1.80
C SER B 24 -3.44 -3.24 2.52
N ASP B 25 -4.64 -3.15 1.99
CA ASP B 25 -5.65 -2.26 2.67
C ASP B 25 -5.90 -2.80 4.09
N THR B 26 -5.88 -1.90 5.06
CA THR B 26 -6.27 -2.30 6.39
C THR B 26 -7.80 -2.53 6.48
N ILE B 27 -8.19 -3.31 7.47
CA ILE B 27 -9.58 -3.43 7.80
C ILE B 27 -10.18 -2.08 8.12
N GLU B 28 -9.44 -1.23 8.83
CA GLU B 28 -9.93 0.15 9.06
C GLU B 28 -10.22 0.90 7.77
N ASN B 29 -9.31 0.80 6.79
CA ASN B 29 -9.55 1.46 5.55
C ASN B 29 -10.78 0.93 4.81
N VAL B 30 -10.98 -0.35 4.89
CA VAL B 30 -12.13 -0.97 4.23
C VAL B 30 -13.40 -0.40 4.97
N LYS B 31 -13.33 -0.27 6.29
CA LYS B 31 -14.50 0.26 7.00
C LYS B 31 -14.78 1.70 6.57
N ALA B 32 -13.69 2.45 6.28
CA ALA B 32 -13.85 3.81 5.74
C ALA B 32 -14.58 3.82 4.42
N LYS B 33 -14.23 2.90 3.52
CA LYS B 33 -14.86 2.81 2.21
C LYS B 33 -16.36 2.45 2.45
N ILE B 34 -16.63 1.57 3.42
CA ILE B 34 -18.05 1.19 3.69
C ILE B 34 -18.86 2.38 4.22
N GLN B 35 -18.26 3.17 5.12
CA GLN B 35 -18.88 4.31 5.68
C GLN B 35 -19.25 5.31 4.60
N ASP B 36 -18.37 5.48 3.64
CA ASP B 36 -18.61 6.46 2.56
C ASP B 36 -19.85 6.08 1.75
N LYS B 37 -20.04 4.82 1.58
CA LYS B 37 -21.17 4.29 0.91
C LYS B 37 -22.43 4.22 1.77
N GLU B 38 -22.29 3.70 3.00
CA GLU B 38 -23.43 3.23 3.77
C GLU B 38 -23.73 4.10 4.99
N GLY B 39 -22.82 4.98 5.39
CA GLY B 39 -23.04 5.81 6.56
C GLY B 39 -22.83 5.28 7.94
N ILE B 40 -22.34 4.06 8.04
CA ILE B 40 -22.06 3.43 9.33
C ILE B 40 -20.67 3.80 9.75
N PRO B 41 -20.55 4.34 10.96
CA PRO B 41 -19.22 4.71 11.38
C PRO B 41 -18.38 3.49 11.64
N PRO B 42 -17.07 3.55 11.30
CA PRO B 42 -16.18 2.42 11.44
C PRO B 42 -16.30 1.76 12.82
N ASP B 43 -16.38 2.55 13.89
CA ASP B 43 -16.39 1.98 15.22
C ASP B 43 -17.68 1.18 15.52
N GLN B 44 -18.73 1.37 14.71
CA GLN B 44 -19.95 0.54 14.80
C GLN B 44 -20.11 -0.56 13.74
N GLN B 45 -19.07 -0.77 12.91
CA GLN B 45 -19.04 -1.88 12.00
C GLN B 45 -18.18 -3.02 12.59
N ARG B 46 -18.61 -4.24 12.35
CA ARG B 46 -17.73 -5.41 12.50
C ARG B 46 -17.73 -6.16 11.17
N LEU B 47 -16.56 -6.52 10.71
CA LEU B 47 -16.43 -7.24 9.44
C LEU B 47 -15.97 -8.68 9.70
N ILE B 48 -16.71 -9.61 9.10
CA ILE B 48 -16.51 -11.00 9.25
C ILE B 48 -16.18 -11.65 7.92
N PHE B 49 -15.21 -12.55 7.98
CA PHE B 49 -14.85 -13.44 6.92
C PHE B 49 -14.48 -14.79 7.49
N ALA B 50 -15.10 -15.81 6.94
CA ALA B 50 -14.83 -17.19 7.26
C ALA B 50 -14.98 -17.40 8.76
N GLY B 51 -16.07 -16.87 9.31
CA GLY B 51 -16.34 -17.00 10.73
C GLY B 51 -15.50 -16.22 11.70
N LYS B 52 -14.57 -15.37 11.21
CA LYS B 52 -13.72 -14.60 12.05
C LYS B 52 -14.04 -13.15 12.00
N GLN B 53 -14.00 -12.51 13.16
CA GLN B 53 -14.12 -11.08 13.17
C GLN B 53 -12.75 -10.51 12.77
N LEU B 54 -12.73 -9.58 11.83
CA LEU B 54 -11.44 -9.07 11.35
C LEU B 54 -10.96 -7.91 12.22
N GLU B 55 -9.65 -7.87 12.51
CA GLU B 55 -9.04 -6.78 13.30
C GLU B 55 -8.75 -5.56 12.44
N ASP B 56 -9.15 -4.39 12.92
CA ASP B 56 -8.97 -3.12 12.24
C ASP B 56 -7.55 -2.87 11.76
N GLY B 57 -6.57 -3.23 12.59
CA GLY B 57 -5.15 -3.01 12.25
C GLY B 57 -4.47 -4.03 11.36
N ARG B 58 -5.18 -5.04 10.90
CA ARG B 58 -4.61 -6.03 10.00
C ARG B 58 -5.05 -5.70 8.58
N THR B 59 -4.40 -6.34 7.61
CA THR B 59 -4.72 -6.15 6.21
C THR B 59 -5.63 -7.29 5.62
N LEU B 60 -6.22 -7.02 4.49
CA LEU B 60 -6.97 -8.02 3.81
C LEU B 60 -6.08 -9.27 3.50
N SER B 61 -4.86 -9.01 3.01
CA SER B 61 -3.89 -10.09 2.73
C SER B 61 -3.66 -10.97 3.93
N ASP B 62 -3.64 -10.40 5.17
CA ASP B 62 -3.47 -11.18 6.35
C ASP B 62 -4.51 -12.27 6.51
N TYR B 63 -5.73 -12.09 6.03
CA TYR B 63 -6.78 -13.08 6.22
C TYR B 63 -6.99 -13.88 4.97
N ASN B 64 -6.05 -13.73 4.03
CA ASN B 64 -6.08 -14.47 2.75
C ASN B 64 -7.36 -14.21 2.01
N ILE B 65 -7.86 -12.98 2.06
CA ILE B 65 -9.07 -12.65 1.32
C ILE B 65 -8.71 -12.69 -0.16
N GLN B 66 -9.63 -13.19 -0.99
CA GLN B 66 -9.42 -13.39 -2.40
C GLN B 66 -10.18 -12.36 -3.17
N LYS B 67 -9.81 -12.17 -4.45
CA LYS B 67 -10.69 -11.41 -5.34
C LYS B 67 -12.08 -12.00 -5.40
N GLU B 68 -13.07 -11.10 -5.30
CA GLU B 68 -14.47 -11.48 -5.26
C GLU B 68 -14.85 -12.37 -4.06
N SER B 69 -14.05 -12.29 -2.99
CA SER B 69 -14.48 -12.84 -1.67
C SER B 69 -15.58 -11.93 -1.15
N THR B 70 -16.44 -12.51 -0.29
CA THR B 70 -17.53 -11.72 0.32
C THR B 70 -17.31 -11.53 1.80
N LEU B 71 -17.18 -10.30 2.27
CA LEU B 71 -17.15 -10.07 3.71
C LEU B 71 -18.57 -9.87 4.18
N HIS B 72 -18.83 -10.07 5.46
CA HIS B 72 -20.14 -9.79 6.02
C HIS B 72 -20.08 -8.64 7.00
N LEU B 73 -20.93 -7.64 6.81
CA LEU B 73 -20.88 -6.49 7.67
C LEU B 73 -21.94 -6.70 8.78
N VAL B 74 -21.49 -6.51 10.01
CA VAL B 74 -22.31 -6.59 11.21
C VAL B 74 -22.33 -5.28 11.93
N LEU B 75 -23.47 -4.94 12.55
CA LEU B 75 -23.57 -3.72 13.31
C LEU B 75 -23.31 -4.00 14.79
N ARG B 76 -22.49 -3.17 15.40
CA ARG B 76 -22.31 -3.18 16.80
C ARG B 76 -22.63 -1.77 17.30
N LEU B 77 -23.87 -1.58 17.69
CA LEU B 77 -24.38 -0.27 18.06
C LEU B 77 -23.77 0.21 19.34
N GLY C 1 -8.48 -15.67 -7.72
CA GLY C 1 -7.17 -15.83 -7.03
C GLY C 1 -7.00 -14.71 -5.99
N PRO C 2 -5.81 -14.60 -5.40
CA PRO C 2 -5.59 -13.64 -4.31
C PRO C 2 -5.71 -12.23 -4.80
N LEU C 3 -5.91 -11.31 -3.85
CA LEU C 3 -5.93 -9.88 -4.13
C LEU C 3 -4.60 -9.48 -4.68
N GLY C 4 -4.58 -8.46 -5.55
CA GLY C 4 -3.33 -7.92 -6.12
C GLY C 4 -3.39 -7.97 -7.63
N SER C 5 -2.60 -7.10 -8.27
CA SER C 5 -2.70 -6.86 -9.68
C SER C 5 -1.36 -7.17 -10.31
N GLN C 6 -1.34 -7.20 -11.63
CA GLN C 6 -0.09 -7.45 -12.35
C GLN C 6 0.16 -6.34 -13.38
N ILE C 7 1.44 -6.06 -13.55
CA ILE C 7 1.94 -5.35 -14.70
C ILE C 7 3.13 -6.09 -15.35
N PHE C 8 3.46 -5.70 -16.55
CA PHE C 8 4.63 -6.26 -17.28
C PHE C 8 5.67 -5.18 -17.40
N VAL C 9 6.94 -5.61 -17.47
CA VAL C 9 8.09 -4.77 -17.71
C VAL C 9 8.93 -5.40 -18.84
N LYS C 10 9.01 -4.68 -19.94
CA LYS C 10 9.87 -5.01 -21.03
C LYS C 10 11.30 -4.74 -20.58
N THR C 11 12.09 -5.77 -20.58
CA THR C 11 13.37 -5.71 -19.93
C THR C 11 14.38 -5.49 -21.04
N LEU C 12 15.65 -5.40 -20.70
CA LEU C 12 16.67 -4.89 -21.65
C LEU C 12 16.74 -5.65 -22.97
N THR C 13 16.83 -6.96 -22.87
CA THR C 13 16.75 -7.83 -24.04
C THR C 13 15.53 -7.52 -24.93
N GLY C 14 14.40 -7.25 -24.30
CA GLY C 14 13.10 -7.28 -24.96
C GLY C 14 12.29 -8.33 -24.25
N LYS C 15 13.00 -9.20 -23.52
CA LYS C 15 12.44 -10.08 -22.50
C LYS C 15 11.48 -9.31 -21.55
N THR C 16 10.34 -9.91 -21.29
CA THR C 16 9.33 -9.26 -20.51
C THR C 16 9.07 -10.08 -19.26
N ILE C 17 9.05 -9.41 -18.11
CA ILE C 17 8.75 -10.03 -16.81
C ILE C 17 7.43 -9.50 -16.25
N THR C 18 6.81 -10.33 -15.43
CA THR C 18 5.55 -10.03 -14.80
C THR C 18 5.79 -9.70 -13.37
N LEU C 19 5.29 -8.57 -12.95
CA LEU C 19 5.34 -8.11 -11.59
C LEU C 19 3.97 -8.18 -10.85
N GLU C 20 4.03 -8.58 -9.58
CA GLU C 20 2.88 -8.51 -8.63
C GLU C 20 2.90 -7.19 -7.96
N VAL C 21 1.88 -6.39 -8.18
CA VAL C 21 1.84 -5.04 -7.67
C VAL C 21 0.48 -4.71 -7.11
N GLU C 22 0.37 -3.51 -6.53
CA GLU C 22 -0.91 -2.98 -6.08
C GLU C 22 -0.77 -1.46 -6.29
N PRO C 23 -1.90 -0.76 -6.34
CA PRO C 23 -1.91 0.65 -6.65
C PRO C 23 -1.02 1.52 -5.79
N SER C 24 -0.93 1.15 -4.51
N SER C 24 -0.92 1.18 -4.50
CA SER C 24 -0.13 1.85 -3.53
CA SER C 24 -0.13 1.95 -3.57
C SER C 24 1.38 1.68 -3.71
C SER C 24 1.38 1.64 -3.65
N ASP C 25 1.80 0.67 -4.48
CA ASP C 25 3.26 0.48 -4.66
C ASP C 25 3.96 1.75 -5.23
N THR C 26 5.05 2.15 -4.63
CA THR C 26 5.91 3.21 -5.19
C THR C 26 6.71 2.73 -6.40
N ILE C 27 7.14 3.66 -7.20
CA ILE C 27 8.10 3.36 -8.24
C ILE C 27 9.36 2.62 -7.69
N GLU C 28 9.80 3.05 -6.54
CA GLU C 28 10.94 2.42 -5.84
C GLU C 28 10.68 0.95 -5.52
N ASN C 29 9.48 0.60 -5.12
CA ASN C 29 9.10 -0.80 -4.91
C ASN C 29 9.09 -1.57 -6.19
N VAL C 30 8.56 -0.99 -7.24
CA VAL C 30 8.66 -1.59 -8.55
C VAL C 30 10.10 -1.89 -8.94
N LYS C 31 10.98 -0.94 -8.74
CA LYS C 31 12.36 -1.15 -9.07
C LYS C 31 12.99 -2.27 -8.19
N ALA C 32 12.59 -2.36 -6.92
CA ALA C 32 13.03 -3.49 -6.07
C ALA C 32 12.62 -4.82 -6.60
N LYS C 33 11.36 -4.93 -7.06
CA LYS C 33 10.86 -6.15 -7.62
C LYS C 33 11.58 -6.51 -8.94
N ILE C 34 11.93 -5.51 -9.73
CA ILE C 34 12.72 -5.74 -10.95
C ILE C 34 14.12 -6.22 -10.60
N GLN C 35 14.74 -5.62 -9.60
CA GLN C 35 16.08 -5.98 -9.17
C GLN C 35 16.09 -7.42 -8.71
N ASP C 36 14.98 -7.84 -8.09
CA ASP C 36 14.93 -9.24 -7.58
C ASP C 36 15.00 -10.30 -8.74
N LYS C 37 14.46 -9.98 -9.89
CA LYS C 37 14.56 -10.79 -11.06
C LYS C 37 15.75 -10.46 -12.00
N GLU C 38 16.13 -9.18 -12.20
CA GLU C 38 17.11 -8.80 -13.20
C GLU C 38 18.51 -8.44 -12.65
N GLY C 39 18.62 -8.19 -11.36
CA GLY C 39 19.83 -7.77 -10.69
C GLY C 39 20.37 -6.38 -10.96
N ILE C 40 19.55 -5.49 -11.52
CA ILE C 40 19.97 -4.16 -11.79
C ILE C 40 19.58 -3.34 -10.58
N PRO C 41 20.54 -2.57 -9.99
CA PRO C 41 20.20 -1.80 -8.80
C PRO C 41 19.20 -0.70 -9.16
N PRO C 42 18.33 -0.36 -8.21
CA PRO C 42 17.29 0.65 -8.46
C PRO C 42 17.86 1.95 -9.03
N ASP C 43 19.00 2.40 -8.52
CA ASP C 43 19.56 3.64 -9.03
C ASP C 43 20.05 3.61 -10.48
N GLN C 44 20.24 2.44 -11.04
CA GLN C 44 20.63 2.27 -12.44
C GLN C 44 19.44 1.86 -13.33
N GLN C 45 18.22 1.90 -12.78
CA GLN C 45 17.00 1.59 -13.51
C GLN C 45 16.30 2.87 -13.76
N ARG C 46 15.76 3.04 -14.97
CA ARG C 46 14.78 4.09 -15.26
C ARG C 46 13.57 3.42 -15.86
N LEU C 47 12.40 3.73 -15.33
CA LEU C 47 11.17 3.14 -15.82
C LEU C 47 10.36 4.14 -16.65
N ILE C 48 9.92 3.67 -17.80
CA ILE C 48 9.17 4.49 -18.73
C ILE C 48 7.77 3.95 -18.96
N PHE C 49 6.79 4.85 -19.04
CA PHE C 49 5.45 4.49 -19.51
C PHE C 49 4.93 5.61 -20.35
N ALA C 50 4.51 5.28 -21.57
CA ALA C 50 3.88 6.28 -22.48
C ALA C 50 4.84 7.44 -22.77
N GLY C 51 6.10 7.10 -23.06
CA GLY C 51 7.13 8.12 -23.31
C GLY C 51 7.56 9.05 -22.17
N LYS C 52 7.14 8.75 -20.95
CA LYS C 52 7.53 9.52 -19.78
C LYS C 52 8.28 8.68 -18.77
N GLN C 53 9.32 9.25 -18.17
CA GLN C 53 10.08 8.59 -17.11
C GLN C 53 9.24 8.70 -15.81
N LEU C 54 9.04 7.58 -15.12
CA LEU C 54 8.35 7.57 -13.84
C LEU C 54 9.33 7.93 -12.74
N GLU C 55 8.91 8.82 -11.86
CA GLU C 55 9.79 9.25 -10.77
C GLU C 55 9.59 8.52 -9.45
N ASP C 56 10.71 8.30 -8.80
CA ASP C 56 10.72 7.84 -7.48
C ASP C 56 9.92 8.94 -6.65
N GLY C 57 9.32 8.48 -5.62
CA GLY C 57 8.50 9.33 -4.79
C GLY C 57 7.00 9.28 -5.15
N ARG C 58 6.64 8.53 -6.18
CA ARG C 58 5.26 8.48 -6.65
C ARG C 58 4.81 7.05 -6.70
N THR C 59 3.51 6.86 -6.73
CA THR C 59 2.93 5.48 -6.73
C THR C 59 2.41 5.12 -8.09
N LEU C 60 2.09 3.84 -8.30
CA LEU C 60 1.52 3.41 -9.56
C LEU C 60 0.16 4.09 -9.73
N SER C 61 -0.60 4.22 -8.64
N SER C 61 -0.58 4.21 -8.63
CA SER C 61 -1.88 4.96 -8.66
CA SER C 61 -1.86 4.94 -8.62
C SER C 61 -1.71 6.42 -9.10
C SER C 61 -1.71 6.40 -9.06
N ASP C 62 -0.64 7.07 -8.63
CA ASP C 62 -0.40 8.47 -8.98
C ASP C 62 -0.28 8.60 -10.47
N TYR C 63 0.31 7.60 -11.13
CA TYR C 63 0.48 7.64 -12.60
C TYR C 63 -0.66 7.01 -13.34
N ASN C 64 -1.74 6.64 -12.66
CA ASN C 64 -2.91 6.02 -13.29
CA ASN C 64 -2.90 6.03 -13.28
C ASN C 64 -2.56 4.77 -14.09
N ILE C 65 -1.59 4.02 -13.60
CA ILE C 65 -1.15 2.78 -14.29
C ILE C 65 -2.33 1.77 -14.31
N GLN C 66 -2.58 1.14 -15.47
CA GLN C 66 -3.67 0.17 -15.61
C GLN C 66 -3.22 -1.26 -15.32
N LYS C 67 -4.16 -2.15 -14.99
CA LYS C 67 -3.84 -3.57 -14.90
C LYS C 67 -3.30 -3.99 -16.22
N GLU C 68 -2.28 -4.83 -16.18
CA GLU C 68 -1.67 -5.39 -17.39
C GLU C 68 -1.07 -4.38 -18.37
N SER C 69 -0.73 -3.22 -17.89
CA SER C 69 0.06 -2.21 -18.62
CA SER C 69 -0.01 -2.30 -18.75
C SER C 69 1.46 -2.76 -18.71
N THR C 70 2.23 -2.29 -19.69
CA THR C 70 3.62 -2.69 -19.82
C THR C 70 4.55 -1.47 -19.61
N LEU C 71 5.41 -1.52 -18.60
CA LEU C 71 6.44 -0.49 -18.43
C LEU C 71 7.68 -0.88 -19.24
N HIS C 72 8.52 0.11 -19.55
CA HIS C 72 9.74 -0.15 -20.29
C HIS C 72 10.89 0.12 -19.34
N LEU C 73 11.75 -0.87 -19.17
CA LEU C 73 12.91 -0.68 -18.31
C LEU C 73 14.09 -0.21 -19.14
N VAL C 74 14.81 0.80 -18.70
CA VAL C 74 16.04 1.18 -19.38
C VAL C 74 17.15 1.28 -18.35
N LEU C 75 18.35 0.97 -18.81
CA LEU C 75 19.53 0.93 -18.00
C LEU C 75 20.20 2.30 -18.03
N ARG C 76 20.47 2.81 -16.85
CA ARG C 76 21.18 4.03 -16.66
C ARG C 76 22.48 3.73 -15.87
N LEU C 77 23.55 3.39 -16.60
CA LEU C 77 24.83 3.08 -15.98
C LEU C 77 25.43 4.28 -15.30
N ARG C 78 26.17 4.01 -14.21
CA ARG C 78 26.75 5.03 -13.35
C ARG C 78 28.11 5.45 -13.87
S SO4 D . -5.25 3.33 6.88
O1 SO4 D . -4.46 4.49 7.33
O2 SO4 D . -5.42 3.36 5.40
O3 SO4 D . -6.58 3.34 7.59
O4 SO4 D . -4.52 2.04 7.14
O5 RIB E . -18.57 -0.81 21.43
C5 RIB E . -17.51 0.16 21.33
C4 RIB E . -16.40 -0.69 20.78
O4 RIB E . -17.17 -1.51 19.92
C3 RIB E . -15.37 0.06 19.97
O3 RIB E . -14.06 0.00 20.53
C2 RIB E . -15.41 -0.59 18.60
O2 RIB E . -14.21 -1.26 18.34
C1 RIB E . -16.66 -1.48 18.60
S SO4 F . -8.96 -8.61 -11.76
O1 SO4 F . -8.98 -7.76 -12.98
O2 SO4 F . -7.86 -9.62 -11.97
O3 SO4 F . -10.20 -9.40 -11.65
O4 SO4 F . -8.77 -7.70 -10.58
O5 RIB G . 23.70 8.38 -12.46
C5 RIB G . 23.38 8.60 -11.08
C4 RIB G . 21.87 8.80 -11.06
O4 RIB G . 21.23 7.85 -11.91
C3 RIB G . 21.21 8.57 -9.73
O3 RIB G . 21.39 9.72 -8.89
C2 RIB G . 19.76 8.26 -10.09
O2 RIB G . 18.97 9.46 -10.07
C1 RIB G . 19.91 7.60 -11.45
#